data_9OKF
#
_entry.id   9OKF
#
_cell.length_a   1.00
_cell.length_b   1.00
_cell.length_c   1.00
_cell.angle_alpha   90.00
_cell.angle_beta   90.00
_cell.angle_gamma   90.00
#
_symmetry.space_group_name_H-M   'P 1'
#
_entity_poly.entity_id   1
_entity_poly.type   'polypeptide(L)'
_entity_poly.pdbx_seq_one_letter_code
;AQRRKEREELAQQYEAILRECGHGRFQWTLYFVLGLALMADGVEVFVVGFVLPSAEKDMCLSDSNKGMLGLIVYLGMMVG
AFLWGGLADRLGRRQCLLISLSVNSVFAFFSSFVQGYGTFLFCRLLSGVGIGGSIPIVFSYFSEFLAQEKRGEHLSWLCM
FWMIGGVYAAAMAWAIIPHYGWSFQMGSAYQFHSWRVFVLVCAFPSVFAIGALTTQPESPRFFLENGKHDEAWMVLKQVH
DTNMRAKGHPERVFSVTHIKTIHQEDELIEIQSDTGTWYQRWGVRALSLGGQVWGNFLSCFGPEYRRITLMMMGVWFTMS
FSYYGLTVWFPDMIRHLQAVDYASRTKVFPGERVEHVTFNFTLENQIHRGGQYFNDKFIGLRLKSVSFEDSLFEECYFED
VTSSNTFFRNCTFINTVFYNTDLFEYKFVNSRLINSTFLHNKEGCPLDVTGTGEGAYMVYFVSFLGTLAVLPGNIVSALL
MDKIGRLRMLAGSSVMSCVSCFFLSFGNSESAMIALLCLFGGVSIASWNALDVLTVELYPSDKRTTAFGFLNALCKLAAV
LGISIFTSFVGITKAAPILFASAALALGSSLALKLPETRGQVLQ
;
_entity_poly.pdbx_strand_id   A
#
# COMPACT_ATOMS: atom_id res chain seq x y z
N ALA A 1 -27.12 -20.60 1.68
CA ALA A 1 -28.40 -20.13 1.09
C ALA A 1 -28.93 -18.89 1.82
N GLN A 2 -29.28 -19.08 3.10
CA GLN A 2 -29.88 -17.99 3.87
C GLN A 2 -28.89 -16.84 4.08
N ARG A 3 -27.65 -17.16 4.42
CA ARG A 3 -26.69 -16.12 4.77
C ARG A 3 -26.39 -15.21 3.57
N ARG A 4 -26.30 -15.79 2.38
CA ARG A 4 -26.06 -14.97 1.20
C ARG A 4 -27.20 -14.00 0.96
N LYS A 5 -28.45 -14.47 1.14
CA LYS A 5 -29.60 -13.61 0.98
C LYS A 5 -29.58 -12.46 2.00
N GLU A 6 -29.28 -12.78 3.25
CA GLU A 6 -29.23 -11.75 4.28
C GLU A 6 -28.13 -10.73 3.99
N ARG A 7 -26.96 -11.20 3.55
CA ARG A 7 -25.87 -10.29 3.26
C ARG A 7 -26.18 -9.41 2.05
N GLU A 8 -26.87 -9.95 1.04
CA GLU A 8 -27.28 -9.12 -0.10
C GLU A 8 -28.26 -8.04 0.33
N GLU A 9 -29.23 -8.40 1.18
CA GLU A 9 -30.15 -7.40 1.70
C GLU A 9 -29.42 -6.33 2.49
N LEU A 10 -28.47 -6.74 3.34
CA LEU A 10 -27.68 -5.78 4.09
C LEU A 10 -26.91 -4.85 3.16
N ALA A 11 -26.32 -5.40 2.10
CA ALA A 11 -25.57 -4.57 1.15
C ALA A 11 -26.47 -3.53 0.52
N GLN A 12 -27.66 -3.93 0.08
CA GLN A 12 -28.58 -2.98 -0.54
C GLN A 12 -28.99 -1.88 0.45
N GLN A 13 -29.34 -2.28 1.67
CA GLN A 13 -29.76 -1.28 2.66
C GLN A 13 -28.61 -0.36 3.02
N TYR A 14 -27.38 -0.88 3.09
CA TYR A 14 -26.23 -0.04 3.38
C TYR A 14 -25.97 0.95 2.26
N GLU A 15 -26.14 0.51 1.01
CA GLU A 15 -26.05 1.45 -0.11
C GLU A 15 -27.08 2.57 0.03
N ALA A 16 -28.32 2.20 0.38
CA ALA A 16 -29.36 3.22 0.55
C ALA A 16 -29.01 4.18 1.67
N ILE A 17 -28.52 3.66 2.80
CA ILE A 17 -28.17 4.51 3.94
C ILE A 17 -27.05 5.47 3.55
N LEU A 18 -26.02 4.97 2.88
CA LEU A 18 -24.92 5.84 2.48
C LEU A 18 -25.37 6.88 1.47
N ARG A 19 -26.31 6.53 0.58
CA ARG A 19 -26.86 7.54 -0.30
C ARG A 19 -27.64 8.60 0.48
N GLU A 20 -28.31 8.20 1.56
CA GLU A 20 -28.94 9.20 2.43
C GLU A 20 -27.90 10.11 3.06
N CYS A 21 -26.80 9.54 3.56
CA CYS A 21 -25.77 10.33 4.21
C CYS A 21 -25.07 11.28 3.23
N GLY A 22 -24.82 10.82 2.01
CA GLY A 22 -24.13 11.63 1.03
C GLY A 22 -22.63 11.66 1.26
N HIS A 23 -21.94 12.32 0.33
CA HIS A 23 -20.49 12.47 0.37
C HIS A 23 -20.16 13.93 0.65
N GLY A 24 -19.27 14.16 1.60
CA GLY A 24 -18.94 15.52 1.99
C GLY A 24 -17.82 15.63 3.00
N ARG A 25 -18.05 16.44 4.04
CA ARG A 25 -16.98 16.78 4.98
C ARG A 25 -16.42 15.55 5.66
N PHE A 26 -17.27 14.62 6.09
CA PHE A 26 -16.82 13.46 6.83
C PHE A 26 -15.86 12.62 6.00
N GLN A 27 -16.26 12.32 4.76
CA GLN A 27 -15.44 11.44 3.93
C GLN A 27 -14.11 12.10 3.56
N TRP A 28 -14.09 13.41 3.36
CA TRP A 28 -12.83 14.07 3.03
C TRP A 28 -11.91 14.15 4.25
N THR A 29 -12.48 14.39 5.43
CA THR A 29 -11.67 14.34 6.64
C THR A 29 -11.05 12.96 6.82
N LEU A 30 -11.84 11.91 6.64
CA LEU A 30 -11.32 10.55 6.73
C LEU A 30 -10.27 10.28 5.66
N TYR A 31 -10.49 10.80 4.45
CA TYR A 31 -9.53 10.67 3.37
C TYR A 31 -8.18 11.24 3.78
N PHE A 32 -8.17 12.47 4.29
CA PHE A 32 -6.92 13.08 4.72
C PHE A 32 -6.33 12.37 5.93
N VAL A 33 -7.16 11.76 6.76
CA VAL A 33 -6.64 11.05 7.93
C VAL A 33 -5.91 9.78 7.51
N LEU A 34 -6.49 9.01 6.59
CA LEU A 34 -5.86 7.78 6.13
C LEU A 34 -4.73 8.03 5.13
N GLY A 35 -4.72 9.21 4.51
CA GLY A 35 -3.59 9.56 3.67
C GLY A 35 -2.29 9.58 4.43
N LEU A 36 -2.34 9.88 5.73
CA LEU A 36 -1.13 9.85 6.54
C LEU A 36 -0.58 8.43 6.66
N ALA A 37 -1.44 7.44 6.85
CA ALA A 37 -0.98 6.06 6.88
C ALA A 37 -0.41 5.64 5.53
N LEU A 38 -1.07 6.01 4.45
CA LEU A 38 -0.53 5.69 3.12
C LEU A 38 0.82 6.37 2.90
N MET A 39 0.96 7.60 3.39
CA MET A 39 2.22 8.33 3.27
C MET A 39 3.34 7.65 4.06
N ALA A 40 3.03 7.16 5.27
CA ALA A 40 4.02 6.41 6.02
C ALA A 40 4.45 5.16 5.27
N ASP A 41 3.48 4.45 4.69
CA ASP A 41 3.82 3.29 3.87
C ASP A 41 4.74 3.68 2.72
N GLY A 42 4.49 4.85 2.12
CA GLY A 42 5.37 5.31 1.04
C GLY A 42 6.77 5.61 1.51
N VAL A 43 6.91 6.23 2.68
CA VAL A 43 8.23 6.64 3.18
C VAL A 43 9.06 5.41 3.54
N GLU A 44 8.41 4.39 4.10
CA GLU A 44 9.15 3.22 4.56
C GLU A 44 9.94 2.57 3.42
N VAL A 45 9.40 2.60 2.21
CA VAL A 45 10.07 1.94 1.08
C VAL A 45 11.37 2.65 0.75
N PHE A 46 11.47 3.96 0.99
CA PHE A 46 12.63 4.74 0.59
C PHE A 46 13.66 4.89 1.70
N VAL A 47 13.27 4.74 2.96
CA VAL A 47 14.20 5.05 4.06
C VAL A 47 15.52 4.29 3.89
N VAL A 48 15.46 2.96 3.88
CA VAL A 48 16.69 2.16 3.88
C VAL A 48 17.48 2.37 2.60
N GLY A 49 16.79 2.44 1.46
CA GLY A 49 17.50 2.68 0.21
C GLY A 49 18.26 3.98 0.24
N PHE A 50 17.73 4.99 0.92
CA PHE A 50 18.45 6.26 1.02
C PHE A 50 19.62 6.17 1.99
N VAL A 51 19.45 5.47 3.13
CA VAL A 51 20.46 5.52 4.18
C VAL A 51 21.57 4.49 4.04
N LEU A 52 21.41 3.48 3.19
CA LEU A 52 22.37 2.38 3.16
C LEU A 52 23.81 2.82 2.90
N PRO A 53 24.09 3.70 1.93
CA PRO A 53 25.49 4.06 1.66
C PRO A 53 26.22 4.68 2.84
N SER A 54 25.50 5.34 3.76
CA SER A 54 26.13 5.89 4.95
C SER A 54 26.18 4.89 6.09
N ALA A 55 25.24 3.95 6.14
CA ALA A 55 25.25 2.93 7.17
C ALA A 55 26.35 1.90 6.94
N GLU A 56 26.73 1.66 5.69
CA GLU A 56 27.72 0.63 5.42
C GLU A 56 29.05 0.91 6.13
N LYS A 57 29.42 2.18 6.28
CA LYS A 57 30.68 2.54 6.90
C LYS A 57 30.56 2.80 8.39
N ASP A 58 29.34 2.79 8.94
CA ASP A 58 29.15 2.85 10.37
C ASP A 58 29.01 1.47 11.00
N MET A 59 28.39 0.53 10.28
CA MET A 59 28.18 -0.83 10.78
C MET A 59 29.10 -1.86 10.12
N CYS A 60 29.97 -1.45 9.20
CA CYS A 60 30.92 -2.34 8.56
C CYS A 60 30.21 -3.50 7.86
N LEU A 61 29.43 -3.14 6.85
CA LEU A 61 28.65 -4.12 6.10
C LEU A 61 29.48 -4.79 5.01
N SER A 62 29.27 -6.09 4.85
CA SER A 62 29.60 -6.76 3.61
C SER A 62 28.48 -6.52 2.59
N ASP A 63 28.77 -6.82 1.32
CA ASP A 63 27.79 -6.59 0.27
C ASP A 63 26.53 -7.41 0.48
N SER A 64 26.68 -8.66 0.94
CA SER A 64 25.52 -9.50 1.21
C SER A 64 24.64 -8.90 2.28
N ASN A 65 25.24 -8.28 3.30
CA ASN A 65 24.46 -7.60 4.32
C ASN A 65 23.68 -6.44 3.72
N LYS A 66 24.29 -5.71 2.78
CA LYS A 66 23.60 -4.62 2.11
C LYS A 66 22.39 -5.13 1.32
N GLY A 67 22.57 -6.24 0.60
CA GLY A 67 21.43 -6.84 -0.10
C GLY A 67 20.33 -7.30 0.84
N MET A 68 20.72 -7.89 1.96
CA MET A 68 19.72 -8.36 2.93
C MET A 68 18.97 -7.20 3.56
N LEU A 69 19.66 -6.09 3.83
CA LEU A 69 18.96 -4.86 4.21
C LEU A 69 18.06 -4.37 3.09
N GLY A 70 18.43 -4.64 1.85
CA GLY A 70 17.56 -4.31 0.73
C GLY A 70 16.28 -5.12 0.71
N LEU A 71 16.35 -6.39 1.13
CA LEU A 71 15.20 -7.30 1.05
C LEU A 71 14.38 -7.37 2.34
N ILE A 72 14.93 -6.90 3.46
CA ILE A 72 14.27 -7.06 4.76
C ILE A 72 12.94 -6.33 4.77
N VAL A 73 12.88 -5.13 4.19
CA VAL A 73 11.65 -4.34 4.24
C VAL A 73 10.53 -5.08 3.53
N TYR A 74 10.83 -5.69 2.38
CA TYR A 74 9.80 -6.40 1.63
C TYR A 74 9.36 -7.66 2.36
N LEU A 75 10.30 -8.39 2.97
CA LEU A 75 9.90 -9.57 3.75
C LEU A 75 8.98 -9.17 4.90
N GLY A 76 9.37 -8.15 5.65
CA GLY A 76 8.54 -7.68 6.75
C GLY A 76 7.18 -7.21 6.29
N MET A 77 7.13 -6.49 5.17
CA MET A 77 5.86 -6.04 4.65
C MET A 77 4.98 -7.19 4.21
N MET A 78 5.56 -8.25 3.64
CA MET A 78 4.78 -9.44 3.31
C MET A 78 4.13 -10.01 4.57
N VAL A 79 4.94 -10.26 5.61
CA VAL A 79 4.41 -10.87 6.82
C VAL A 79 3.34 -9.98 7.45
N GLY A 80 3.63 -8.68 7.56
CA GLY A 80 2.68 -7.77 8.18
C GLY A 80 1.40 -7.64 7.38
N ALA A 81 1.52 -7.59 6.05
CA ALA A 81 0.32 -7.51 5.22
C ALA A 81 -0.59 -8.69 5.50
N PHE A 82 -0.06 -9.92 5.42
CA PHE A 82 -0.91 -11.08 5.67
C PHE A 82 -1.50 -11.01 7.08
N LEU A 83 -0.66 -10.77 8.08
CA LEU A 83 -1.11 -10.80 9.46
C LEU A 83 -2.22 -9.78 9.72
N TRP A 84 -1.93 -8.50 9.46
CA TRP A 84 -2.89 -7.45 9.80
C TRP A 84 -4.13 -7.50 8.90
N GLY A 85 -3.98 -7.86 7.63
CA GLY A 85 -5.15 -8.03 6.79
C GLY A 85 -6.07 -9.12 7.29
N GLY A 86 -5.49 -10.26 7.71
CA GLY A 86 -6.31 -11.30 8.30
C GLY A 86 -6.99 -10.87 9.58
N LEU A 87 -6.27 -10.15 10.44
CA LEU A 87 -6.85 -9.75 11.71
C LEU A 87 -7.93 -8.68 11.57
N ALA A 88 -7.79 -7.79 10.58
CA ALA A 88 -8.72 -6.66 10.47
C ALA A 88 -10.15 -7.11 10.19
N ASP A 89 -10.35 -8.33 9.70
CA ASP A 89 -11.70 -8.84 9.48
C ASP A 89 -12.34 -9.35 10.76
N ARG A 90 -11.57 -9.52 11.83
CA ARG A 90 -12.08 -10.04 13.09
C ARG A 90 -12.07 -9.00 14.20
N LEU A 91 -11.06 -8.14 14.26
CA LEU A 91 -10.95 -7.15 15.32
C LEU A 91 -11.38 -5.75 14.89
N GLY A 92 -11.52 -5.50 13.60
CA GLY A 92 -11.94 -4.20 13.11
C GLY A 92 -10.82 -3.48 12.36
N ARG A 93 -11.23 -2.55 11.49
CA ARG A 93 -10.26 -1.82 10.68
C ARG A 93 -9.47 -0.84 11.54
N ARG A 94 -10.17 -0.04 12.34
CA ARG A 94 -9.52 1.04 13.09
C ARG A 94 -8.54 0.48 14.12
N GLN A 95 -8.95 -0.55 14.85
CA GLN A 95 -8.09 -1.10 15.89
C GLN A 95 -6.82 -1.72 15.31
N CYS A 96 -6.98 -2.51 14.24
CA CYS A 96 -5.82 -3.13 13.62
C CYS A 96 -4.91 -2.11 12.96
N LEU A 97 -5.48 -1.06 12.37
CA LEU A 97 -4.64 -0.01 11.80
C LEU A 97 -3.87 0.72 12.89
N LEU A 98 -4.52 0.97 14.03
CA LEU A 98 -3.81 1.59 15.15
C LEU A 98 -2.67 0.73 15.64
N ILE A 99 -2.91 -0.57 15.79
CA ILE A 99 -1.86 -1.47 16.26
C ILE A 99 -0.71 -1.51 15.26
N SER A 100 -1.03 -1.61 13.97
CA SER A 100 0.00 -1.64 12.94
C SER A 100 0.85 -0.37 12.97
N LEU A 101 0.20 0.79 13.00
CA LEU A 101 0.95 2.04 13.03
C LEU A 101 1.76 2.17 14.31
N SER A 102 1.25 1.68 15.43
CA SER A 102 2.01 1.73 16.67
C SER A 102 3.27 0.89 16.58
N VAL A 103 3.16 -0.33 16.07
CA VAL A 103 4.34 -1.18 15.88
C VAL A 103 5.34 -0.50 14.97
N ASN A 104 4.86 0.00 13.82
CA ASN A 104 5.75 0.63 12.86
C ASN A 104 6.48 1.82 13.48
N SER A 105 5.73 2.70 14.16
CA SER A 105 6.35 3.89 14.73
C SER A 105 7.34 3.52 15.82
N VAL A 106 6.98 2.58 16.71
CA VAL A 106 7.87 2.21 17.80
C VAL A 106 9.19 1.67 17.26
N PHE A 107 9.10 0.71 16.33
CA PHE A 107 10.33 0.09 15.87
C PHE A 107 11.12 0.97 14.91
N ALA A 108 10.45 1.87 14.17
CA ALA A 108 11.19 2.85 13.39
C ALA A 108 11.93 3.82 14.30
N PHE A 109 11.32 4.20 15.43
CA PHE A 109 12.01 5.02 16.41
C PHE A 109 13.22 4.29 16.97
N PHE A 110 13.06 3.01 17.30
CA PHE A 110 14.18 2.24 17.83
C PHE A 110 15.31 2.10 16.81
N SER A 111 14.98 1.87 15.55
CA SER A 111 16.01 1.63 14.55
C SER A 111 16.96 2.81 14.40
N SER A 112 16.53 4.01 14.80
CA SER A 112 17.39 5.18 14.67
C SER A 112 18.53 5.16 15.68
N PHE A 113 18.32 4.53 16.84
CA PHE A 113 19.29 4.58 17.94
C PHE A 113 20.11 3.31 18.10
N VAL A 114 19.64 2.17 17.61
CA VAL A 114 20.37 0.91 17.78
C VAL A 114 21.65 0.96 16.95
N GLN A 115 22.69 0.29 17.44
CA GLN A 115 24.03 0.45 16.89
C GLN A 115 24.43 -0.70 15.96
N GLY A 116 24.22 -1.94 16.37
CA GLY A 116 24.72 -3.06 15.61
C GLY A 116 23.93 -3.33 14.35
N TYR A 117 24.55 -4.05 13.42
CA TYR A 117 23.88 -4.40 12.17
C TYR A 117 22.69 -5.31 12.42
N GLY A 118 22.86 -6.32 13.27
CA GLY A 118 21.80 -7.27 13.50
C GLY A 118 20.57 -6.64 14.15
N THR A 119 20.79 -5.79 15.15
CA THR A 119 19.67 -5.14 15.83
C THR A 119 18.97 -4.16 14.91
N PHE A 120 19.72 -3.43 14.09
CA PHE A 120 19.12 -2.54 13.10
C PHE A 120 18.29 -3.32 12.10
N LEU A 121 18.81 -4.45 11.64
CA LEU A 121 18.05 -5.30 10.71
C LEU A 121 16.77 -5.80 11.35
N PHE A 122 16.84 -6.23 12.61
CA PHE A 122 15.65 -6.70 13.31
C PHE A 122 14.62 -5.58 13.47
N CYS A 123 15.08 -4.38 13.82
CA CYS A 123 14.16 -3.26 13.99
C CYS A 123 13.50 -2.88 12.68
N ARG A 124 14.26 -2.86 11.58
CA ARG A 124 13.66 -2.56 10.29
C ARG A 124 12.69 -3.65 9.87
N LEU A 125 13.02 -4.91 10.16
CA LEU A 125 12.11 -6.01 9.87
C LEU A 125 10.77 -5.79 10.57
N LEU A 126 10.82 -5.48 11.86
CA LEU A 126 9.56 -5.30 12.60
C LEU A 126 8.83 -4.03 12.19
N SER A 127 9.55 -2.98 11.79
CA SER A 127 8.89 -1.80 11.25
C SER A 127 8.14 -2.14 9.96
N GLY A 128 8.77 -2.95 9.10
CA GLY A 128 8.09 -3.40 7.90
C GLY A 128 6.88 -4.26 8.21
N VAL A 129 7.01 -5.14 9.22
CA VAL A 129 5.86 -5.93 9.65
C VAL A 129 4.73 -5.02 10.10
N GLY A 130 5.07 -3.96 10.84
CA GLY A 130 4.08 -3.01 11.30
C GLY A 130 3.36 -2.30 10.17
N ILE A 131 4.11 -1.70 9.24
CA ILE A 131 3.50 -0.90 8.19
C ILE A 131 2.97 -1.74 7.04
N GLY A 132 3.21 -3.05 7.02
CA GLY A 132 2.79 -3.86 5.91
C GLY A 132 1.29 -3.88 5.70
N GLY A 133 0.52 -3.73 6.79
CA GLY A 133 -0.92 -3.80 6.74
C GLY A 133 -1.63 -2.52 6.40
N SER A 134 -0.90 -1.47 6.02
CA SER A 134 -1.52 -0.16 5.83
C SER A 134 -2.43 -0.15 4.60
N ILE A 135 -1.98 -0.63 3.47
CA ILE A 135 -2.78 -0.55 2.23
C ILE A 135 -4.03 -1.43 2.18
N PRO A 136 -3.95 -2.66 2.68
CA PRO A 136 -5.18 -3.48 2.70
C PRO A 136 -6.24 -2.93 3.65
N ILE A 137 -5.82 -2.46 4.83
CA ILE A 137 -6.77 -1.95 5.80
C ILE A 137 -7.30 -0.59 5.36
N VAL A 138 -6.42 0.30 4.90
CA VAL A 138 -6.83 1.65 4.55
C VAL A 138 -7.85 1.64 3.42
N PHE A 139 -7.56 0.88 2.36
CA PHE A 139 -8.45 0.94 1.20
C PHE A 139 -9.84 0.42 1.53
N SER A 140 -9.93 -0.71 2.23
CA SER A 140 -11.22 -1.25 2.62
C SER A 140 -11.93 -0.32 3.60
N TYR A 141 -11.24 0.10 4.65
CA TYR A 141 -11.81 1.06 5.61
C TYR A 141 -12.43 2.25 4.86
N PHE A 142 -11.70 2.90 3.95
CA PHE A 142 -12.25 4.06 3.26
C PHE A 142 -13.40 3.65 2.34
N SER A 143 -13.26 2.53 1.63
CA SER A 143 -14.31 2.09 0.71
C SER A 143 -15.62 1.84 1.45
N GLU A 144 -15.55 1.41 2.70
CA GLU A 144 -16.76 1.13 3.48
C GLU A 144 -17.49 2.40 3.92
N PHE A 145 -17.12 3.56 3.40
CA PHE A 145 -17.87 4.80 3.62
C PHE A 145 -18.33 5.43 2.31
N LEU A 146 -18.20 4.73 1.18
CA LEU A 146 -18.40 5.31 -0.14
C LEU A 146 -19.62 4.69 -0.82
N ALA A 147 -20.47 5.54 -1.37
CA ALA A 147 -21.54 5.07 -2.24
C ALA A 147 -20.99 4.81 -3.65
N GLN A 148 -21.79 4.12 -4.46
CA GLN A 148 -21.32 3.67 -5.76
C GLN A 148 -21.20 4.78 -6.79
N GLU A 149 -21.72 5.99 -6.51
CA GLU A 149 -21.79 7.01 -7.55
C GLU A 149 -20.42 7.33 -8.12
N LYS A 150 -19.46 7.64 -7.26
CA LYS A 150 -18.10 7.99 -7.68
C LYS A 150 -17.09 7.19 -6.86
N ARG A 151 -17.40 5.93 -6.59
CA ARG A 151 -16.55 5.12 -5.73
C ARG A 151 -15.15 4.97 -6.33
N GLY A 152 -15.06 4.73 -7.64
CA GLY A 152 -13.76 4.51 -8.25
C GLY A 152 -12.87 5.73 -8.17
N GLU A 153 -13.41 6.91 -8.48
CA GLU A 153 -12.62 8.14 -8.39
C GLU A 153 -12.19 8.43 -6.96
N HIS A 154 -13.11 8.25 -6.00
CA HIS A 154 -12.78 8.54 -4.61
C HIS A 154 -11.70 7.59 -4.09
N LEU A 155 -11.75 6.32 -4.50
CA LEU A 155 -10.69 5.40 -4.09
C LEU A 155 -9.39 5.66 -4.83
N SER A 156 -9.47 6.13 -6.08
CA SER A 156 -8.26 6.42 -6.84
C SER A 156 -7.53 7.63 -6.29
N TRP A 157 -8.27 8.62 -5.81
CA TRP A 157 -7.63 9.78 -5.20
C TRP A 157 -6.83 9.40 -3.96
N LEU A 158 -7.10 8.21 -3.40
CA LEU A 158 -6.39 7.78 -2.19
C LEU A 158 -4.95 7.37 -2.50
N CYS A 159 -4.67 6.98 -3.74
CA CYS A 159 -3.35 6.47 -4.10
C CYS A 159 -2.29 7.56 -4.13
N MET A 160 -2.68 8.82 -4.14
CA MET A 160 -1.73 9.91 -4.25
C MET A 160 -0.94 10.22 -2.99
N PHE A 161 -1.36 9.70 -1.84
CA PHE A 161 -0.58 9.88 -0.62
C PHE A 161 0.68 9.02 -0.64
N TRP A 162 0.67 7.89 -1.36
CA TRP A 162 1.88 7.11 -1.51
C TRP A 162 2.96 7.89 -2.26
N MET A 163 2.56 8.56 -3.34
CA MET A 163 3.48 9.44 -4.06
C MET A 163 3.96 10.57 -3.16
N ILE A 164 3.03 11.14 -2.37
CA ILE A 164 3.41 12.23 -1.47
C ILE A 164 4.45 11.75 -0.45
N GLY A 165 4.29 10.51 0.04
CA GLY A 165 5.27 9.97 0.96
C GLY A 165 6.61 9.73 0.32
N GLY A 166 6.61 9.27 -0.93
CA GLY A 166 7.87 9.14 -1.65
C GLY A 166 8.56 10.49 -1.82
N VAL A 167 7.79 11.53 -2.14
CA VAL A 167 8.35 12.87 -2.25
C VAL A 167 8.91 13.34 -0.92
N TYR A 168 8.18 13.07 0.17
CA TYR A 168 8.65 13.44 1.50
C TYR A 168 9.98 12.76 1.81
N ALA A 169 10.08 11.46 1.53
CA ALA A 169 11.31 10.74 1.80
C ALA A 169 12.46 11.32 0.99
N ALA A 170 12.23 11.57 -0.30
CA ALA A 170 13.29 12.12 -1.14
C ALA A 170 13.74 13.48 -0.64
N ALA A 171 12.78 14.35 -0.31
CA ALA A 171 13.13 15.70 0.14
C ALA A 171 13.90 15.66 1.46
N MET A 172 13.47 14.82 2.40
CA MET A 172 14.16 14.76 3.69
C MET A 172 15.54 14.15 3.56
N ALA A 173 15.71 13.15 2.68
CA ALA A 173 17.05 12.62 2.43
C ALA A 173 17.93 13.70 1.81
N TRP A 174 17.38 14.48 0.89
CA TRP A 174 18.14 15.59 0.30
C TRP A 174 18.54 16.60 1.37
N ALA A 175 17.65 16.88 2.30
CA ALA A 175 17.87 17.97 3.25
C ALA A 175 18.74 17.57 4.44
N ILE A 176 18.76 16.30 4.83
CA ILE A 176 19.35 15.87 6.09
C ILE A 176 20.65 15.12 5.88
N ILE A 177 20.64 14.09 5.02
CA ILE A 177 21.79 13.19 4.94
C ILE A 177 23.07 13.92 4.54
N PRO A 178 23.08 14.78 3.52
CA PRO A 178 24.35 15.42 3.14
C PRO A 178 24.96 16.25 4.26
N HIS A 179 24.12 16.83 5.13
CA HIS A 179 24.61 17.71 6.20
C HIS A 179 25.26 16.97 7.33
N TYR A 180 26.46 16.44 7.09
CA TYR A 180 27.16 15.66 8.11
C TYR A 180 27.44 16.46 9.36
N GLY A 181 27.39 17.80 9.29
CA GLY A 181 27.63 18.62 10.47
C GLY A 181 26.59 18.44 11.55
N TRP A 182 25.42 17.88 11.22
CA TRP A 182 24.39 17.62 12.21
C TRP A 182 24.76 16.51 13.17
N SER A 183 25.82 15.75 12.88
CA SER A 183 26.18 14.61 13.70
C SER A 183 26.59 15.06 15.10
N PHE A 184 26.33 14.21 16.08
CA PHE A 184 26.68 14.46 17.46
C PHE A 184 26.86 13.11 18.14
N GLN A 185 27.21 13.16 19.42
CA GLN A 185 27.38 11.96 20.23
C GLN A 185 26.27 11.90 21.27
N MET A 186 25.48 10.83 21.24
CA MET A 186 24.49 10.54 22.28
C MET A 186 25.20 9.89 23.47
N GLY A 187 26.01 10.69 24.13
CA GLY A 187 26.96 10.16 25.10
C GLY A 187 28.28 9.81 24.45
N SER A 188 29.34 9.80 25.27
CA SER A 188 30.67 9.53 24.75
C SER A 188 30.79 8.12 24.17
N ALA A 189 29.86 7.22 24.52
CA ALA A 189 29.96 5.83 24.08
C ALA A 189 29.45 5.59 22.66
N TYR A 190 28.65 6.50 22.12
CA TYR A 190 28.04 6.29 20.81
C TYR A 190 28.04 7.60 20.03
N GLN A 191 28.48 7.53 18.77
CA GLN A 191 28.34 8.66 17.85
C GLN A 191 27.06 8.49 17.04
N PHE A 192 26.47 9.63 16.66
CA PHE A 192 25.13 9.66 16.07
C PHE A 192 25.16 10.56 14.83
N HIS A 193 25.29 9.93 13.66
CA HIS A 193 25.42 10.65 12.41
C HIS A 193 24.05 11.04 11.85
N SER A 194 24.07 11.88 10.81
CA SER A 194 22.85 12.52 10.33
C SER A 194 21.86 11.53 9.73
N TRP A 195 22.35 10.45 9.11
CA TRP A 195 21.42 9.50 8.51
C TRP A 195 20.50 8.88 9.56
N ARG A 196 20.95 8.79 10.82
CA ARG A 196 20.07 8.36 11.88
C ARG A 196 19.00 9.41 12.16
N VAL A 197 19.34 10.70 12.04
CA VAL A 197 18.33 11.75 12.14
C VAL A 197 17.32 11.61 11.02
N PHE A 198 17.78 11.24 9.82
CA PHE A 198 16.86 10.99 8.71
C PHE A 198 15.93 9.82 9.03
N VAL A 199 16.49 8.73 9.57
CA VAL A 199 15.68 7.58 9.94
C VAL A 199 14.63 7.99 10.95
N LEU A 200 15.01 8.80 11.94
CA LEU A 200 14.06 9.27 12.95
C LEU A 200 12.98 10.14 12.32
N VAL A 201 13.38 11.07 11.45
CA VAL A 201 12.42 11.97 10.83
C VAL A 201 11.46 11.24 9.92
N CYS A 202 11.85 10.09 9.38
CA CYS A 202 10.94 9.31 8.55
C CYS A 202 9.83 8.64 9.36
N ALA A 203 9.94 8.64 10.69
CA ALA A 203 8.91 8.05 11.53
C ALA A 203 7.76 9.00 11.85
N PHE A 204 7.97 10.31 11.69
CA PHE A 204 6.93 11.27 12.07
C PHE A 204 5.60 11.03 11.35
N PRO A 205 5.56 10.74 10.05
CA PRO A 205 4.25 10.55 9.40
C PRO A 205 3.39 9.49 10.07
N SER A 206 3.98 8.40 10.54
CA SER A 206 3.17 7.37 11.19
C SER A 206 2.68 7.82 12.56
N VAL A 207 3.47 8.61 13.28
CA VAL A 207 3.01 9.17 14.55
C VAL A 207 1.81 10.09 14.32
N PHE A 208 1.93 10.97 13.33
CA PHE A 208 0.79 11.83 12.99
C PHE A 208 -0.40 11.01 12.51
N ALA A 209 -0.15 9.90 11.81
CA ALA A 209 -1.22 9.03 11.38
C ALA A 209 -1.97 8.45 12.57
N ILE A 210 -1.23 7.99 13.59
CA ILE A 210 -1.87 7.46 14.79
C ILE A 210 -2.70 8.56 15.46
N GLY A 211 -2.09 9.75 15.61
CA GLY A 211 -2.80 10.83 16.28
C GLY A 211 -4.10 11.21 15.58
N ALA A 212 -4.05 11.31 14.24
CA ALA A 212 -5.26 11.64 13.50
C ALA A 212 -6.27 10.50 13.49
N LEU A 213 -5.77 9.26 13.41
CA LEU A 213 -6.66 8.10 13.32
C LEU A 213 -7.43 7.88 14.61
N THR A 214 -6.84 8.23 15.75
CA THR A 214 -7.56 8.05 17.01
C THR A 214 -8.88 8.81 17.03
N THR A 215 -9.02 9.85 16.20
CA THR A 215 -10.22 10.68 16.22
C THR A 215 -11.36 10.11 15.39
N GLN A 216 -11.10 9.14 14.50
CA GLN A 216 -12.12 8.69 13.57
C GLN A 216 -12.87 7.48 14.12
N PRO A 217 -14.10 7.27 13.67
CA PRO A 217 -14.89 6.12 14.15
C PRO A 217 -14.53 4.84 13.43
N GLU A 218 -14.95 3.72 14.03
CA GLU A 218 -14.81 2.43 13.41
C GLU A 218 -15.79 2.29 12.24
N SER A 219 -15.44 1.43 11.30
CA SER A 219 -16.29 1.23 10.12
C SER A 219 -17.64 0.65 10.55
N PRO A 220 -18.76 1.31 10.21
CA PRO A 220 -20.06 0.75 10.60
C PRO A 220 -20.40 -0.55 9.90
N ARG A 221 -19.87 -0.77 8.69
CA ARG A 221 -20.13 -2.03 7.99
C ARG A 221 -19.57 -3.21 8.77
N PHE A 222 -18.42 -3.01 9.42
CA PHE A 222 -17.85 -4.07 10.26
C PHE A 222 -18.80 -4.40 11.41
N PHE A 223 -19.34 -3.38 12.07
CA PHE A 223 -20.29 -3.62 13.16
C PHE A 223 -21.53 -4.35 12.66
N LEU A 224 -22.06 -3.92 11.52
CA LEU A 224 -23.26 -4.57 10.98
C LEU A 224 -22.98 -6.02 10.61
N GLU A 225 -21.79 -6.30 10.05
CA GLU A 225 -21.39 -7.67 9.75
C GLU A 225 -21.07 -8.48 10.99
N ASN A 226 -20.87 -7.83 12.14
CA ASN A 226 -20.56 -8.53 13.39
C ASN A 226 -21.70 -8.47 14.39
N GLY A 227 -22.90 -8.09 13.96
CA GLY A 227 -24.06 -8.15 14.83
C GLY A 227 -24.21 -7.01 15.81
N LYS A 228 -23.43 -5.93 15.66
CA LYS A 228 -23.49 -4.80 16.58
C LYS A 228 -24.26 -3.66 15.91
N HIS A 229 -25.58 -3.68 16.11
CA HIS A 229 -26.46 -2.73 15.43
C HIS A 229 -26.30 -1.32 15.97
N ASP A 230 -26.31 -1.16 17.29
CA ASP A 230 -26.39 0.18 17.87
C ASP A 230 -25.15 1.01 17.54
N GLU A 231 -23.97 0.39 17.61
CA GLU A 231 -22.74 1.13 17.31
C GLU A 231 -22.71 1.58 15.86
N ALA A 232 -23.11 0.70 14.94
CA ALA A 232 -23.17 1.07 13.53
C ALA A 232 -24.15 2.20 13.31
N TRP A 233 -25.29 2.16 14.00
CA TRP A 233 -26.27 3.23 13.87
C TRP A 233 -25.70 4.55 14.36
N MET A 234 -24.97 4.54 15.49
CA MET A 234 -24.37 5.77 15.98
C MET A 234 -23.32 6.30 15.02
N VAL A 235 -22.49 5.43 14.46
CA VAL A 235 -21.46 5.86 13.53
C VAL A 235 -22.10 6.46 12.27
N LEU A 236 -23.13 5.80 11.74
CA LEU A 236 -23.79 6.33 10.55
C LEU A 236 -24.52 7.64 10.83
N LYS A 237 -25.11 7.79 12.01
CA LYS A 237 -25.71 9.06 12.36
C LYS A 237 -24.65 10.14 12.47
N GLN A 238 -23.47 9.80 12.99
CA GLN A 238 -22.38 10.76 13.01
C GLN A 238 -22.01 11.20 11.60
N VAL A 239 -21.91 10.25 10.67
CA VAL A 239 -21.58 10.59 9.29
C VAL A 239 -22.63 11.53 8.70
N HIS A 240 -23.91 11.16 8.85
CA HIS A 240 -24.98 11.97 8.29
C HIS A 240 -24.99 13.37 8.90
N ASP A 241 -24.86 13.46 10.22
CA ASP A 241 -24.90 14.76 10.88
C ASP A 241 -23.72 15.63 10.46
N THR A 242 -22.52 15.05 10.38
CA THR A 242 -21.37 15.82 9.94
C THR A 242 -21.58 16.34 8.52
N ASN A 243 -22.02 15.46 7.62
CA ASN A 243 -22.19 15.88 6.23
C ASN A 243 -23.23 16.97 6.10
N MET A 244 -24.36 16.84 6.81
CA MET A 244 -25.43 17.81 6.66
C MET A 244 -25.09 19.13 7.35
N ARG A 245 -24.47 19.06 8.53
CA ARG A 245 -24.05 20.29 9.21
C ARG A 245 -23.02 21.05 8.39
N ALA A 246 -22.10 20.34 7.74
CA ALA A 246 -21.11 21.01 6.91
C ALA A 246 -21.74 21.63 5.67
N LYS A 247 -22.87 21.09 5.21
CA LYS A 247 -23.53 21.55 4.00
C LYS A 247 -24.58 22.63 4.27
N GLY A 248 -24.70 23.11 5.49
CA GLY A 248 -25.65 24.16 5.78
C GLY A 248 -27.08 23.70 5.97
N HIS A 249 -27.30 22.40 6.22
CA HIS A 249 -28.64 21.87 6.46
C HIS A 249 -28.66 21.06 7.75
N PRO A 250 -28.36 21.69 8.89
CA PRO A 250 -28.38 20.97 10.16
C PRO A 250 -29.78 20.57 10.63
N GLU A 251 -30.84 21.09 10.00
CA GLU A 251 -32.19 20.75 10.42
C GLU A 251 -32.62 19.35 9.97
N ARG A 252 -31.87 18.70 9.09
CA ARG A 252 -32.23 17.38 8.60
C ARG A 252 -32.02 16.33 9.68
N VAL A 253 -32.87 15.30 9.65
CA VAL A 253 -32.91 14.27 10.68
C VAL A 253 -32.54 12.93 10.05
N PHE A 254 -31.68 12.18 10.73
CA PHE A 254 -31.30 10.84 10.27
C PHE A 254 -32.49 9.91 10.41
N SER A 255 -33.04 9.45 9.29
CA SER A 255 -34.32 8.75 9.27
C SER A 255 -34.21 7.26 9.53
N VAL A 256 -33.01 6.70 9.59
CA VAL A 256 -32.87 5.27 9.79
C VAL A 256 -33.27 4.90 11.22
N THR A 257 -34.02 3.82 11.35
CA THR A 257 -34.45 3.31 12.65
C THR A 257 -33.90 1.92 12.95
N HIS A 258 -33.83 1.05 11.95
CA HIS A 258 -33.29 -0.30 12.13
C HIS A 258 -32.53 -0.69 10.88
N ILE A 259 -31.36 -1.28 11.07
CA ILE A 259 -30.50 -1.74 9.98
C ILE A 259 -30.33 -3.24 10.10
N LYS A 260 -30.41 -3.95 8.97
CA LYS A 260 -30.16 -5.37 8.99
C LYS A 260 -28.73 -5.63 9.44
N THR A 261 -28.55 -6.72 10.19
CA THR A 261 -27.23 -7.06 10.73
C THR A 261 -27.07 -8.57 10.71
N ILE A 262 -25.82 -9.01 10.67
CA ILE A 262 -25.49 -10.43 10.48
C ILE A 262 -25.02 -11.00 11.81
N HIS A 263 -25.56 -12.16 12.17
CA HIS A 263 -25.13 -12.87 13.37
C HIS A 263 -25.67 -14.30 13.37
N THR A 277 -7.13 -19.27 34.15
CA THR A 277 -6.31 -18.09 34.38
C THR A 277 -6.26 -17.22 33.13
N TRP A 278 -5.75 -15.99 33.28
CA TRP A 278 -5.80 -15.04 32.17
C TRP A 278 -4.95 -15.50 31.00
N TYR A 279 -3.78 -16.10 31.27
CA TYR A 279 -2.93 -16.54 30.16
C TYR A 279 -3.55 -17.69 29.40
N GLN A 280 -4.23 -18.61 30.10
CA GLN A 280 -4.95 -19.67 29.40
C GLN A 280 -6.05 -19.10 28.51
N ARG A 281 -6.77 -18.11 29.03
CA ARG A 281 -7.82 -17.47 28.23
C ARG A 281 -7.22 -16.76 27.02
N TRP A 282 -6.06 -16.12 27.18
CA TRP A 282 -5.40 -15.52 26.04
C TRP A 282 -4.97 -16.55 25.02
N GLY A 283 -4.52 -17.72 25.47
CA GLY A 283 -4.19 -18.79 24.53
C GLY A 283 -5.40 -19.26 23.75
N VAL A 284 -6.52 -19.44 24.45
CA VAL A 284 -7.77 -19.81 23.77
C VAL A 284 -8.15 -18.76 22.75
N ARG A 285 -8.05 -17.49 23.15
CA ARG A 285 -8.37 -16.39 22.24
C ARG A 285 -7.49 -16.42 21.01
N ALA A 286 -6.19 -16.64 21.19
CA ALA A 286 -5.26 -16.68 20.07
C ALA A 286 -5.61 -17.82 19.11
N LEU A 287 -5.88 -19.00 19.66
CA LEU A 287 -6.21 -20.14 18.80
C LEU A 287 -7.51 -19.90 18.04
N SER A 288 -8.52 -19.33 18.71
CA SER A 288 -9.78 -19.06 18.03
C SER A 288 -9.61 -18.00 16.93
N LEU A 289 -8.84 -16.95 17.21
CA LEU A 289 -8.58 -15.94 16.20
C LEU A 289 -7.85 -16.54 15.00
N GLY A 290 -6.84 -17.37 15.25
CA GLY A 290 -6.15 -18.03 14.16
C GLY A 290 -7.09 -18.89 13.34
N GLY A 291 -7.97 -19.63 14.02
CA GLY A 291 -8.92 -20.45 13.31
C GLY A 291 -9.84 -19.64 12.41
N GLN A 292 -10.35 -18.52 12.92
CA GLN A 292 -11.25 -17.69 12.12
C GLN A 292 -10.53 -17.06 10.93
N VAL A 293 -9.30 -16.58 11.15
CA VAL A 293 -8.54 -16.00 10.05
C VAL A 293 -8.26 -17.06 8.98
N TRP A 294 -7.90 -18.27 9.42
CA TRP A 294 -7.66 -19.35 8.49
C TRP A 294 -8.93 -19.71 7.72
N GLY A 295 -10.07 -19.69 8.40
CA GLY A 295 -11.32 -19.95 7.71
C GLY A 295 -11.61 -18.92 6.63
N ASN A 296 -11.39 -17.64 6.93
CA ASN A 296 -11.57 -16.61 5.92
C ASN A 296 -10.62 -16.82 4.74
N PHE A 297 -9.35 -17.09 5.03
CA PHE A 297 -8.38 -17.28 3.97
C PHE A 297 -8.75 -18.45 3.07
N LEU A 298 -9.17 -19.57 3.67
CA LEU A 298 -9.55 -20.73 2.86
C LEU A 298 -10.82 -20.45 2.09
N SER A 299 -11.79 -19.77 2.70
CA SER A 299 -13.02 -19.45 1.99
C SER A 299 -12.78 -18.48 0.85
N CYS A 300 -11.66 -17.74 0.87
CA CYS A 300 -11.32 -16.94 -0.29
C CYS A 300 -11.10 -17.80 -1.53
N PHE A 301 -10.85 -19.10 -1.36
CA PHE A 301 -10.63 -20.03 -2.47
C PHE A 301 -11.82 -20.95 -2.70
N GLY A 302 -12.99 -20.61 -2.17
CA GLY A 302 -14.17 -21.42 -2.34
C GLY A 302 -14.67 -21.36 -3.76
N PRO A 303 -15.71 -22.15 -4.08
CA PRO A 303 -16.25 -22.14 -5.44
C PRO A 303 -16.77 -20.80 -5.89
N GLU A 304 -17.19 -19.94 -4.96
CA GLU A 304 -17.75 -18.65 -5.33
C GLU A 304 -16.68 -17.64 -5.75
N TYR A 305 -15.43 -17.84 -5.33
CA TYR A 305 -14.37 -16.86 -5.58
C TYR A 305 -13.07 -17.45 -6.11
N ARG A 306 -12.98 -18.75 -6.35
CA ARG A 306 -11.69 -19.35 -6.71
C ARG A 306 -11.15 -18.75 -8.00
N ARG A 307 -11.99 -18.63 -9.04
CA ARG A 307 -11.53 -18.09 -10.31
C ARG A 307 -11.07 -16.65 -10.15
N ILE A 308 -11.85 -15.84 -9.43
CA ILE A 308 -11.47 -14.45 -9.17
C ILE A 308 -10.15 -14.41 -8.42
N THR A 309 -10.01 -15.25 -7.40
CA THR A 309 -8.78 -15.25 -6.60
C THR A 309 -7.57 -15.62 -7.44
N LEU A 310 -7.70 -16.63 -8.29
CA LEU A 310 -6.56 -17.06 -9.11
C LEU A 310 -6.19 -16.00 -10.14
N MET A 311 -7.18 -15.40 -10.81
CA MET A 311 -6.86 -14.36 -11.77
C MET A 311 -6.22 -13.16 -11.10
N MET A 312 -6.71 -12.79 -9.91
CA MET A 312 -6.11 -11.68 -9.18
C MET A 312 -4.69 -12.02 -8.74
N MET A 313 -4.46 -13.26 -8.30
CA MET A 313 -3.11 -13.67 -7.96
C MET A 313 -2.18 -13.52 -9.16
N GLY A 314 -2.63 -13.98 -10.32
CA GLY A 314 -1.81 -13.84 -11.52
C GLY A 314 -1.49 -12.39 -11.84
N VAL A 315 -2.50 -11.53 -11.84
CA VAL A 315 -2.28 -10.13 -12.18
C VAL A 315 -1.33 -9.48 -11.18
N TRP A 316 -1.64 -9.62 -9.89
CA TRP A 316 -0.80 -9.01 -8.85
C TRP A 316 0.63 -9.49 -8.95
N PHE A 317 0.83 -10.81 -8.98
CA PHE A 317 2.19 -11.35 -9.00
C PHE A 317 2.95 -10.88 -10.22
N THR A 318 2.35 -11.00 -11.41
CA THR A 318 3.06 -10.65 -12.63
C THR A 318 3.46 -9.18 -12.62
N MET A 319 2.51 -8.28 -12.32
CA MET A 319 2.84 -6.87 -12.40
C MET A 319 3.80 -6.44 -11.31
N SER A 320 3.67 -6.99 -10.10
CA SER A 320 4.59 -6.64 -9.03
C SER A 320 6.01 -7.11 -9.38
N PHE A 321 6.13 -8.35 -9.83
CA PHE A 321 7.43 -8.89 -10.23
C PHE A 321 8.08 -7.99 -11.29
N SER A 322 7.36 -7.73 -12.38
CA SER A 322 7.94 -6.94 -13.45
C SER A 322 8.30 -5.53 -12.97
N TYR A 323 7.37 -4.87 -12.28
CA TYR A 323 7.60 -3.50 -11.86
C TYR A 323 8.81 -3.38 -10.95
N TYR A 324 8.86 -4.19 -9.89
CA TYR A 324 9.96 -4.06 -8.93
C TYR A 324 11.29 -4.49 -9.55
N GLY A 325 11.29 -5.59 -10.30
CA GLY A 325 12.53 -6.01 -10.94
C GLY A 325 13.08 -4.94 -11.86
N LEU A 326 12.21 -4.35 -12.69
CA LEU A 326 12.70 -3.35 -13.63
C LEU A 326 13.03 -2.03 -12.96
N THR A 327 12.33 -1.67 -11.88
CA THR A 327 12.64 -0.44 -11.16
C THR A 327 13.95 -0.56 -10.39
N VAL A 328 14.34 -1.76 -9.99
CA VAL A 328 15.69 -1.95 -9.46
C VAL A 328 16.71 -2.00 -10.58
N TRP A 329 16.32 -2.56 -11.73
CA TRP A 329 17.25 -2.63 -12.86
C TRP A 329 17.60 -1.25 -13.40
N PHE A 330 16.65 -0.31 -13.37
CA PHE A 330 16.89 1.01 -13.93
C PHE A 330 18.09 1.71 -13.28
N PRO A 331 18.10 1.89 -11.95
CA PRO A 331 19.25 2.53 -11.31
C PRO A 331 20.58 1.85 -11.61
N ASP A 332 20.58 0.52 -11.69
CA ASP A 332 21.82 -0.19 -12.01
C ASP A 332 22.33 0.18 -13.39
N MET A 333 21.43 0.28 -14.38
CA MET A 333 21.86 0.66 -15.72
C MET A 333 22.32 2.12 -15.75
N ILE A 334 21.65 2.98 -14.98
CA ILE A 334 22.09 4.37 -14.89
C ILE A 334 23.51 4.43 -14.34
N ARG A 335 23.78 3.67 -13.28
CA ARG A 335 25.12 3.62 -12.71
C ARG A 335 26.12 3.09 -13.73
N HIS A 336 25.74 2.05 -14.48
CA HIS A 336 26.65 1.46 -15.46
C HIS A 336 27.03 2.47 -16.54
N LEU A 337 26.03 3.17 -17.09
CA LEU A 337 26.32 4.17 -18.12
C LEU A 337 27.10 5.33 -17.55
N GLN A 338 26.80 5.76 -16.33
CA GLN A 338 27.57 6.82 -15.70
C GLN A 338 29.03 6.42 -15.56
N ALA A 339 29.29 5.19 -15.12
CA ALA A 339 30.66 4.72 -14.99
C ALA A 339 31.36 4.64 -16.35
N VAL A 340 30.65 4.13 -17.36
CA VAL A 340 31.25 4.03 -18.69
C VAL A 340 31.64 5.41 -19.22
N ASP A 341 30.79 6.40 -18.97
CA ASP A 341 31.10 7.76 -19.42
C ASP A 341 32.22 8.37 -18.60
N TYR A 342 32.20 8.16 -17.27
CA TYR A 342 33.19 8.73 -16.38
C TYR A 342 34.57 8.13 -16.58
N ALA A 343 34.66 6.90 -17.08
CA ALA A 343 35.95 6.29 -17.34
C ALA A 343 36.72 6.96 -18.47
N SER A 344 36.06 7.80 -19.26
CA SER A 344 36.72 8.51 -20.36
C SER A 344 37.74 9.50 -19.83
N TYR A 457 23.84 15.28 -4.42
CA TYR A 457 22.42 15.60 -4.57
C TYR A 457 21.77 14.77 -5.67
N MET A 458 22.60 14.18 -6.55
CA MET A 458 22.05 13.58 -7.76
C MET A 458 21.14 12.41 -7.45
N VAL A 459 21.49 11.58 -6.48
CA VAL A 459 20.66 10.41 -6.16
C VAL A 459 19.28 10.86 -5.70
N TYR A 460 19.24 11.81 -4.77
CA TYR A 460 17.96 12.28 -4.24
C TYR A 460 17.16 12.99 -5.32
N PHE A 461 17.83 13.80 -6.15
CA PHE A 461 17.12 14.52 -7.21
C PHE A 461 16.53 13.56 -8.23
N VAL A 462 17.27 12.52 -8.61
CA VAL A 462 16.75 11.55 -9.56
C VAL A 462 15.59 10.78 -8.96
N SER A 463 15.67 10.43 -7.68
CA SER A 463 14.55 9.78 -7.03
C SER A 463 13.33 10.69 -7.01
N PHE A 464 13.55 11.98 -6.75
CA PHE A 464 12.46 12.94 -6.74
C PHE A 464 11.80 13.05 -8.11
N LEU A 465 12.60 13.10 -9.17
CA LEU A 465 12.04 13.16 -10.52
C LEU A 465 11.26 11.89 -10.85
N GLY A 466 11.80 10.73 -10.49
CA GLY A 466 11.09 9.49 -10.71
C GLY A 466 9.80 9.41 -9.93
N THR A 467 9.72 10.06 -8.77
CA THR A 467 8.49 10.09 -8.00
C THR A 467 7.48 11.07 -8.60
N LEU A 468 7.94 12.25 -9.02
CA LEU A 468 7.03 13.23 -9.62
C LEU A 468 6.54 12.80 -10.99
N ALA A 469 7.24 11.87 -11.65
CA ALA A 469 6.74 11.33 -12.91
C ALA A 469 5.44 10.56 -12.73
N VAL A 470 5.07 10.21 -11.49
CA VAL A 470 3.86 9.45 -11.25
C VAL A 470 2.62 10.32 -11.15
N LEU A 471 2.76 11.61 -10.87
CA LEU A 471 1.60 12.46 -10.62
C LEU A 471 0.63 12.48 -11.79
N PRO A 472 1.06 12.68 -13.05
CA PRO A 472 0.08 12.66 -14.14
C PRO A 472 -0.70 11.36 -14.23
N GLY A 473 -0.05 10.23 -13.99
CA GLY A 473 -0.76 8.96 -14.01
C GLY A 473 -1.83 8.90 -12.95
N ASN A 474 -1.51 9.35 -11.73
CA ASN A 474 -2.50 9.38 -10.66
C ASN A 474 -3.69 10.25 -11.05
N ILE A 475 -3.43 11.45 -11.56
CA ILE A 475 -4.52 12.36 -11.90
C ILE A 475 -5.41 11.74 -12.98
N VAL A 476 -4.79 11.22 -14.05
CA VAL A 476 -5.56 10.68 -15.16
C VAL A 476 -6.36 9.46 -14.73
N SER A 477 -5.74 8.55 -13.98
CA SER A 477 -6.46 7.37 -13.52
C SER A 477 -7.61 7.74 -12.60
N ALA A 478 -7.39 8.70 -11.70
CA ALA A 478 -8.48 9.12 -10.82
C ALA A 478 -9.63 9.71 -11.62
N LEU A 479 -9.31 10.50 -12.65
CA LEU A 479 -10.37 11.15 -13.42
C LEU A 479 -11.08 10.20 -14.39
N LEU A 480 -10.45 9.09 -14.80
CA LEU A 480 -11.05 8.20 -15.78
C LEU A 480 -11.51 6.86 -15.19
N MET A 481 -11.28 6.61 -13.90
CA MET A 481 -11.59 5.29 -13.35
C MET A 481 -13.05 4.92 -13.55
N ASP A 482 -13.97 5.84 -13.26
CA ASP A 482 -15.39 5.56 -13.41
C ASP A 482 -15.88 5.79 -14.82
N LYS A 483 -15.23 6.67 -15.58
CA LYS A 483 -15.69 6.97 -16.94
C LYS A 483 -15.42 5.80 -17.87
N ILE A 484 -14.21 5.22 -17.83
CA ILE A 484 -13.87 4.11 -18.71
C ILE A 484 -13.79 2.78 -17.98
N GLY A 485 -13.93 2.76 -16.65
CA GLY A 485 -13.96 1.53 -15.91
C GLY A 485 -12.59 1.09 -15.44
N ARG A 486 -12.60 0.08 -14.55
CA ARG A 486 -11.36 -0.43 -13.99
C ARG A 486 -10.65 -1.35 -14.98
N LEU A 487 -11.40 -2.17 -15.72
CA LEU A 487 -10.77 -3.16 -16.59
C LEU A 487 -10.01 -2.48 -17.73
N ARG A 488 -10.62 -1.50 -18.39
CA ARG A 488 -9.93 -0.80 -19.48
C ARG A 488 -8.70 -0.09 -18.96
N MET A 489 -8.80 0.59 -17.82
CA MET A 489 -7.64 1.23 -17.22
C MET A 489 -6.52 0.22 -17.02
N LEU A 490 -6.84 -0.91 -16.37
CA LEU A 490 -5.82 -1.90 -16.05
C LEU A 490 -5.16 -2.44 -17.32
N ALA A 491 -5.96 -2.85 -18.29
CA ALA A 491 -5.41 -3.48 -19.50
C ALA A 491 -4.61 -2.50 -20.34
N GLY A 492 -5.15 -1.30 -20.55
CA GLY A 492 -4.42 -0.31 -21.34
C GLY A 492 -3.12 0.12 -20.69
N SER A 493 -3.16 0.32 -19.37
CA SER A 493 -1.93 0.67 -18.67
C SER A 493 -0.92 -0.46 -18.73
N SER A 494 -1.37 -1.72 -18.64
CA SER A 494 -0.45 -2.84 -18.77
C SER A 494 0.17 -2.88 -20.17
N VAL A 495 -0.63 -2.63 -21.20
CA VAL A 495 -0.10 -2.64 -22.57
C VAL A 495 0.94 -1.54 -22.75
N MET A 496 0.63 -0.35 -22.24
CA MET A 496 1.58 0.75 -22.34
C MET A 496 2.86 0.45 -21.57
N SER A 497 2.73 -0.19 -20.40
CA SER A 497 3.91 -0.59 -19.65
C SER A 497 4.73 -1.60 -20.44
N CYS A 498 4.08 -2.54 -21.12
CA CYS A 498 4.80 -3.53 -21.90
C CYS A 498 5.58 -2.88 -23.04
N VAL A 499 4.95 -1.96 -23.76
CA VAL A 499 5.65 -1.32 -24.87
C VAL A 499 6.76 -0.40 -24.36
N SER A 500 6.55 0.28 -23.23
CA SER A 500 7.62 1.08 -22.66
C SER A 500 8.77 0.22 -22.16
N CYS A 501 8.49 -1.02 -21.73
CA CYS A 501 9.56 -1.95 -21.42
C CYS A 501 10.32 -2.35 -22.68
N PHE A 502 9.59 -2.62 -23.76
CA PHE A 502 10.26 -2.95 -25.03
C PHE A 502 11.13 -1.79 -25.49
N PHE A 503 10.75 -0.56 -25.16
CA PHE A 503 11.54 0.60 -25.56
C PHE A 503 12.91 0.64 -24.90
N LEU A 504 13.09 -0.04 -23.76
CA LEU A 504 14.31 0.15 -22.97
C LEU A 504 15.55 -0.39 -23.66
N SER A 505 15.40 -1.21 -24.70
CA SER A 505 16.57 -1.74 -25.39
C SER A 505 17.36 -0.65 -26.10
N PHE A 506 16.77 0.53 -26.30
CA PHE A 506 17.36 1.58 -27.10
C PHE A 506 17.99 2.70 -26.26
N GLY A 507 18.13 2.50 -24.95
CA GLY A 507 18.78 3.50 -24.13
C GLY A 507 20.24 3.68 -24.52
N ASN A 508 20.70 4.93 -24.49
CA ASN A 508 22.06 5.23 -24.87
C ASN A 508 22.78 6.21 -23.94
N SER A 509 22.08 6.80 -22.96
CA SER A 509 22.72 7.76 -22.08
C SER A 509 21.93 7.83 -20.78
N GLU A 510 22.56 8.41 -19.75
CA GLU A 510 21.93 8.49 -18.44
C GLU A 510 20.65 9.31 -18.50
N SER A 511 20.66 10.41 -19.25
CA SER A 511 19.44 11.20 -19.40
C SER A 511 18.35 10.38 -20.09
N ALA A 512 18.71 9.60 -21.11
CA ALA A 512 17.73 8.76 -21.79
C ALA A 512 17.15 7.72 -20.85
N MET A 513 18.00 7.08 -20.04
CA MET A 513 17.50 6.08 -19.09
C MET A 513 16.58 6.73 -18.05
N ILE A 514 16.93 7.93 -17.58
CA ILE A 514 16.06 8.63 -16.65
C ILE A 514 14.72 8.93 -17.29
N ALA A 515 14.72 9.38 -18.54
CA ALA A 515 13.47 9.70 -19.22
C ALA A 515 12.60 8.45 -19.39
N LEU A 516 13.21 7.34 -19.78
CA LEU A 516 12.44 6.11 -19.96
C LEU A 516 11.94 5.58 -18.61
N LEU A 517 12.73 5.73 -17.55
CA LEU A 517 12.26 5.38 -16.22
C LEU A 517 11.04 6.21 -15.85
N CYS A 518 11.07 7.50 -16.14
CA CYS A 518 9.91 8.35 -15.87
C CYS A 518 8.70 7.88 -16.66
N LEU A 519 8.90 7.55 -17.94
CA LEU A 519 7.79 7.07 -18.77
C LEU A 519 7.16 5.81 -18.16
N PHE A 520 8.00 4.83 -17.82
CA PHE A 520 7.49 3.56 -17.30
C PHE A 520 6.77 3.77 -15.98
N GLY A 521 7.35 4.56 -15.08
CA GLY A 521 6.71 4.79 -13.80
C GLY A 521 5.40 5.54 -13.94
N GLY A 522 5.32 6.47 -14.91
CA GLY A 522 4.09 7.17 -15.14
C GLY A 522 2.99 6.26 -15.68
N VAL A 523 3.36 5.34 -16.57
CA VAL A 523 2.34 4.50 -17.20
C VAL A 523 1.89 3.35 -16.29
N SER A 524 2.74 2.89 -15.37
CA SER A 524 2.37 1.75 -14.55
C SER A 524 1.53 2.11 -13.32
N ILE A 525 1.60 3.36 -12.85
CA ILE A 525 0.85 3.72 -11.65
C ILE A 525 -0.65 3.67 -11.92
N ALA A 526 -1.07 3.91 -13.16
CA ALA A 526 -2.48 3.74 -13.50
C ALA A 526 -2.92 2.28 -13.33
N SER A 527 -2.09 1.35 -13.77
CA SER A 527 -2.37 -0.07 -13.53
C SER A 527 -2.50 -0.34 -12.04
N TRP A 528 -1.57 0.22 -11.25
CA TRP A 528 -1.61 -0.03 -9.81
C TRP A 528 -2.89 0.50 -9.19
N ASN A 529 -3.30 1.72 -9.55
CA ASN A 529 -4.52 2.29 -8.99
C ASN A 529 -5.76 1.49 -9.40
N ALA A 530 -5.86 1.12 -10.68
CA ALA A 530 -6.98 0.32 -11.12
C ALA A 530 -7.02 -1.02 -10.40
N LEU A 531 -5.86 -1.62 -10.19
CA LEU A 531 -5.81 -2.90 -9.47
C LEU A 531 -6.27 -2.73 -8.04
N ASP A 532 -5.88 -1.63 -7.39
CA ASP A 532 -6.32 -1.40 -6.01
C ASP A 532 -7.84 -1.28 -5.94
N VAL A 533 -8.43 -0.46 -6.81
CA VAL A 533 -9.88 -0.29 -6.78
C VAL A 533 -10.57 -1.61 -7.08
N LEU A 534 -10.07 -2.34 -8.09
CA LEU A 534 -10.68 -3.60 -8.48
C LEU A 534 -10.61 -4.62 -7.34
N THR A 535 -9.48 -4.67 -6.63
CA THR A 535 -9.35 -5.57 -5.50
C THR A 535 -10.34 -5.19 -4.41
N VAL A 536 -10.53 -3.89 -4.17
CA VAL A 536 -11.50 -3.46 -3.17
C VAL A 536 -12.90 -3.93 -3.56
N GLU A 537 -13.26 -3.79 -4.83
CA GLU A 537 -14.65 -4.02 -5.24
C GLU A 537 -15.00 -5.49 -5.45
N LEU A 538 -14.00 -6.37 -5.62
CA LEU A 538 -14.28 -7.73 -6.05
C LEU A 538 -14.54 -8.71 -4.91
N TYR A 539 -14.41 -8.29 -3.65
CA TYR A 539 -14.54 -9.21 -2.53
C TYR A 539 -15.56 -8.71 -1.52
N PRO A 540 -16.15 -9.62 -0.75
CA PRO A 540 -17.15 -9.20 0.25
C PRO A 540 -16.51 -8.52 1.45
N SER A 541 -17.36 -7.86 2.23
CA SER A 541 -16.87 -7.05 3.35
C SER A 541 -16.27 -7.92 4.45
N ASP A 542 -16.73 -9.16 4.61
CA ASP A 542 -16.23 -10.03 5.65
C ASP A 542 -14.96 -10.76 5.26
N LYS A 543 -14.49 -10.58 4.02
CA LYS A 543 -13.22 -11.14 3.58
C LYS A 543 -12.38 -10.11 2.83
N ARG A 544 -12.80 -8.84 2.79
CA ARG A 544 -12.12 -7.86 1.95
C ARG A 544 -10.68 -7.66 2.39
N THR A 545 -10.47 -7.42 3.69
CA THR A 545 -9.11 -7.17 4.16
C THR A 545 -8.26 -8.43 4.10
N THR A 546 -8.85 -9.60 4.36
CA THR A 546 -8.09 -10.85 4.25
C THR A 546 -7.57 -11.05 2.84
N ALA A 547 -8.45 -10.91 1.84
CA ALA A 547 -8.03 -11.11 0.46
C ALA A 547 -7.03 -10.05 0.04
N PHE A 548 -7.27 -8.79 0.41
CA PHE A 548 -6.35 -7.72 0.04
C PHE A 548 -4.97 -7.95 0.65
N GLY A 549 -4.93 -8.37 1.92
CA GLY A 549 -3.65 -8.65 2.55
C GLY A 549 -2.94 -9.83 1.93
N PHE A 550 -3.67 -10.88 1.60
CA PHE A 550 -3.05 -12.02 0.93
C PHE A 550 -2.43 -11.61 -0.40
N LEU A 551 -3.18 -10.83 -1.20
CA LEU A 551 -2.67 -10.41 -2.50
C LEU A 551 -1.52 -9.44 -2.36
N ASN A 552 -1.52 -8.59 -1.32
CA ASN A 552 -0.41 -7.67 -1.12
C ASN A 552 0.83 -8.40 -0.63
N ALA A 553 0.67 -9.42 0.21
CA ALA A 553 1.81 -10.25 0.59
C ALA A 553 2.36 -10.99 -0.62
N LEU A 554 1.48 -11.45 -1.51
CA LEU A 554 1.95 -12.04 -2.76
C LEU A 554 2.72 -11.02 -3.60
N CYS A 555 2.23 -9.77 -3.62
CA CYS A 555 2.94 -8.70 -4.31
C CYS A 555 4.33 -8.50 -3.75
N LYS A 556 4.46 -8.48 -2.42
CA LYS A 556 5.78 -8.30 -1.82
C LYS A 556 6.70 -9.49 -2.03
N LEU A 557 6.15 -10.71 -2.04
CA LEU A 557 6.94 -11.88 -2.38
C LEU A 557 7.46 -11.79 -3.81
N ALA A 558 6.59 -11.40 -4.74
CA ALA A 558 7.03 -11.17 -6.11
C ALA A 558 8.07 -10.07 -6.17
N ALA A 559 7.95 -9.05 -5.33
CA ALA A 559 8.95 -7.99 -5.28
C ALA A 559 10.31 -8.56 -4.90
N VAL A 560 10.35 -9.40 -3.86
CA VAL A 560 11.61 -10.01 -3.44
C VAL A 560 12.21 -10.83 -4.57
N LEU A 561 11.40 -11.72 -5.16
CA LEU A 561 11.93 -12.61 -6.20
C LEU A 561 12.42 -11.82 -7.40
N GLY A 562 11.64 -10.82 -7.83
CA GLY A 562 12.04 -10.02 -8.98
C GLY A 562 13.29 -9.19 -8.71
N ILE A 563 13.39 -8.62 -7.51
CA ILE A 563 14.59 -7.86 -7.16
C ILE A 563 15.81 -8.76 -7.27
N SER A 564 15.72 -9.97 -6.70
CA SER A 564 16.86 -10.88 -6.78
C SER A 564 17.20 -11.22 -8.23
N ILE A 565 16.21 -11.65 -9.00
CA ILE A 565 16.48 -12.14 -10.35
C ILE A 565 17.02 -11.02 -11.23
N PHE A 566 16.40 -9.83 -11.16
CA PHE A 566 16.85 -8.71 -11.96
C PHE A 566 18.19 -8.17 -11.49
N THR A 567 18.54 -8.37 -10.21
CA THR A 567 19.90 -8.04 -9.77
C THR A 567 20.91 -9.01 -10.35
N SER A 568 20.52 -10.28 -10.55
CA SER A 568 21.45 -11.26 -11.09
C SER A 568 21.88 -10.95 -12.51
N PHE A 569 21.08 -10.20 -13.28
CA PHE A 569 21.35 -10.01 -14.70
C PHE A 569 22.33 -8.89 -15.01
N VAL A 570 22.48 -7.91 -14.10
CA VAL A 570 23.23 -6.71 -14.44
C VAL A 570 24.66 -7.07 -14.82
N GLY A 571 25.18 -6.38 -15.83
CA GLY A 571 26.53 -6.60 -16.32
C GLY A 571 26.68 -7.74 -17.30
N ILE A 572 25.74 -8.67 -17.34
CA ILE A 572 25.82 -9.81 -18.24
C ILE A 572 25.06 -9.57 -19.53
N THR A 573 23.91 -8.91 -19.45
CA THR A 573 23.09 -8.64 -20.63
C THR A 573 22.10 -7.54 -20.30
N LYS A 574 21.56 -6.92 -21.34
CA LYS A 574 20.46 -5.97 -21.21
C LYS A 574 19.21 -6.45 -21.94
N ALA A 575 19.16 -7.73 -22.34
CA ALA A 575 18.02 -8.28 -23.06
C ALA A 575 17.14 -9.16 -22.16
N ALA A 576 17.76 -10.01 -21.34
CA ALA A 576 16.98 -10.95 -20.54
C ALA A 576 15.99 -10.28 -19.61
N PRO A 577 16.38 -9.31 -18.77
CA PRO A 577 15.38 -8.67 -17.90
C PRO A 577 14.28 -7.96 -18.66
N ILE A 578 14.60 -7.36 -19.81
CA ILE A 578 13.58 -6.68 -20.60
C ILE A 578 12.58 -7.69 -21.14
N LEU A 579 13.07 -8.82 -21.65
CA LEU A 579 12.16 -9.87 -22.12
C LEU A 579 11.31 -10.40 -20.98
N PHE A 580 11.90 -10.62 -19.82
CA PHE A 580 11.15 -11.09 -18.66
C PHE A 580 10.01 -10.12 -18.33
N ALA A 581 10.33 -8.83 -18.21
CA ALA A 581 9.32 -7.85 -17.85
C ALA A 581 8.23 -7.76 -18.91
N SER A 582 8.62 -7.77 -20.18
CA SER A 582 7.63 -7.68 -21.25
C SER A 582 6.68 -8.86 -21.23
N ALA A 583 7.22 -10.07 -21.07
CA ALA A 583 6.37 -11.26 -21.02
C ALA A 583 5.44 -11.22 -19.82
N ALA A 584 5.97 -10.84 -18.65
CA ALA A 584 5.14 -10.78 -17.45
C ALA A 584 4.02 -9.77 -17.60
N LEU A 585 4.33 -8.58 -18.14
CA LEU A 585 3.30 -7.56 -18.31
C LEU A 585 2.28 -7.95 -19.36
N ALA A 586 2.71 -8.62 -20.43
CA ALA A 586 1.75 -9.11 -21.41
C ALA A 586 0.81 -10.14 -20.80
N LEU A 587 1.35 -11.06 -19.99
CA LEU A 587 0.50 -12.03 -19.31
C LEU A 587 -0.48 -11.34 -18.38
N GLY A 588 -0.01 -10.34 -17.64
CA GLY A 588 -0.90 -9.61 -16.75
C GLY A 588 -2.00 -8.87 -17.51
N SER A 589 -1.64 -8.27 -18.64
CA SER A 589 -2.64 -7.60 -19.46
C SER A 589 -3.67 -8.59 -19.99
N SER A 590 -3.20 -9.78 -20.41
CA SER A 590 -4.13 -10.81 -20.86
C SER A 590 -5.10 -11.19 -19.75
N LEU A 591 -4.58 -11.39 -18.53
CA LEU A 591 -5.44 -11.76 -17.42
C LEU A 591 -6.39 -10.63 -17.03
N ALA A 592 -5.97 -9.37 -17.21
CA ALA A 592 -6.81 -8.26 -16.78
C ALA A 592 -8.15 -8.21 -17.51
N LEU A 593 -8.24 -8.82 -18.70
CA LEU A 593 -9.45 -8.74 -19.50
C LEU A 593 -10.50 -9.78 -19.10
N LYS A 594 -10.14 -10.79 -18.31
CA LYS A 594 -11.09 -11.83 -17.94
C LYS A 594 -11.79 -11.54 -16.62
N LEU A 595 -11.36 -10.55 -15.85
CA LEU A 595 -12.03 -10.22 -14.61
C LEU A 595 -13.35 -9.52 -14.91
N PRO A 596 -14.31 -9.57 -13.99
CA PRO A 596 -15.64 -9.03 -14.25
C PRO A 596 -15.74 -7.54 -13.97
N GLU A 597 -16.72 -6.91 -14.61
CA GLU A 597 -17.02 -5.51 -14.36
C GLU A 597 -17.61 -5.34 -12.97
N THR A 598 -17.29 -4.22 -12.32
CA THR A 598 -17.78 -3.92 -10.99
C THR A 598 -18.49 -2.58 -10.89
N ARG A 599 -18.54 -1.78 -11.95
CA ARG A 599 -19.31 -0.56 -11.93
C ARG A 599 -20.80 -0.86 -11.86
N GLY A 600 -21.55 0.03 -11.22
CA GLY A 600 -22.98 -0.14 -11.13
C GLY A 600 -23.43 -1.23 -10.19
N GLN A 601 -22.60 -1.59 -9.22
CA GLN A 601 -22.92 -2.62 -8.24
C GLN A 601 -22.68 -2.09 -6.84
N VAL A 602 -23.53 -2.52 -5.91
CA VAL A 602 -23.34 -2.14 -4.52
C VAL A 602 -22.06 -2.77 -3.97
N LEU A 603 -21.58 -2.21 -2.87
CA LEU A 603 -20.36 -2.69 -2.23
C LEU A 603 -20.68 -3.98 -1.49
N GLN A 604 -20.51 -5.11 -2.18
CA GLN A 604 -20.78 -6.41 -1.59
C GLN A 604 -19.92 -6.64 -0.35
#